data_4CNN
#
_entry.id   4CNN
#
_cell.length_a   60.273
_cell.length_b   44.422
_cell.length_c   84.711
_cell.angle_alpha   90.00
_cell.angle_beta   95.19
_cell.angle_gamma   90.00
#
_symmetry.space_group_name_H-M   'P 1 21 1'
#
loop_
_entity.id
_entity.type
_entity.pdbx_description
1 polymer '3-DEHYDROQUINATE DEHYDRATASE'
2 non-polymer 'SODIUM ION'
3 non-polymer 'CHLORIDE ION'
4 non-polymer 'CITRIC ACID'
5 water water
#
_entity_poly.entity_id   1
_entity_poly.type   'polypeptide(L)'
_entity_poly.pdbx_seq_one_letter_code
;MKTVTVKNLIIGEGMPKIIVSLMGRDINSVKAEALAYREATFDILEWRVDHFMDIASTQSVLTAARVIRDAMPDIPLLFT
FRSAKEGGEQTITTQHYLTLNRAAIDSGLVDMIDLELFTGDADVKATVDYAHAHNVYVVMSNHDFHQTPSAEEMVLRLRK
MQALGADIPKIAVMPQSKHDVLTLLTATLEMQQHYADRPVITMSMAKEGVISRLAGEVFGSAATFGAVKQASAPGQIAVN
DLRSVLMILHNA
;
_entity_poly.pdbx_strand_id   A,B
#
loop_
_chem_comp.id
_chem_comp.type
_chem_comp.name
_chem_comp.formula
CIT non-polymer 'CITRIC ACID' 'C6 H8 O7'
CL non-polymer 'CHLORIDE ION' 'Cl -1'
NA non-polymer 'SODIUM ION' 'Na 1'
#
# COMPACT_ATOMS: atom_id res chain seq x y z
N LYS A 2 -16.78 -12.34 -13.69
CA LYS A 2 -15.47 -11.65 -13.92
C LYS A 2 -14.29 -12.44 -13.34
N THR A 3 -14.43 -13.75 -13.21
CA THR A 3 -13.36 -14.59 -12.64
C THR A 3 -12.81 -15.63 -13.62
N VAL A 4 -11.63 -16.13 -13.27
CA VAL A 4 -10.99 -17.24 -13.96
C VAL A 4 -10.65 -18.25 -12.87
N THR A 5 -11.25 -19.44 -12.95
CA THR A 5 -11.03 -20.49 -11.98
C THR A 5 -10.14 -21.60 -12.55
N VAL A 6 -9.04 -21.87 -11.87
CA VAL A 6 -8.11 -22.93 -12.27
C VAL A 6 -7.84 -23.79 -11.05
N LYS A 7 -8.12 -25.09 -11.15
CA LYS A 7 -7.83 -26.03 -10.06
C LYS A 7 -8.24 -25.48 -8.70
N ASN A 8 -9.49 -25.04 -8.63
CA ASN A 8 -10.13 -24.52 -7.42
C ASN A 8 -9.64 -23.14 -6.93
N LEU A 9 -8.73 -22.52 -7.67
CA LEU A 9 -8.29 -21.17 -7.36
C LEU A 9 -9.15 -20.18 -8.14
N ILE A 10 -9.77 -19.23 -7.46
CA ILE A 10 -10.61 -18.24 -8.12
C ILE A 10 -9.84 -16.95 -8.28
N ILE A 11 -9.39 -16.69 -9.51
CA ILE A 11 -8.64 -15.48 -9.81
C ILE A 11 -9.63 -14.39 -10.17
N GLY A 12 -9.51 -13.25 -9.51
CA GLY A 12 -10.38 -12.10 -9.79
C GLY A 12 -11.41 -11.80 -8.72
N GLU A 13 -11.32 -12.48 -7.59
CA GLU A 13 -12.05 -12.06 -6.41
C GLU A 13 -11.23 -12.37 -5.16
N GLY A 14 -11.69 -11.82 -4.05
CA GLY A 14 -10.98 -11.96 -2.80
C GLY A 14 -9.60 -11.34 -2.85
N MET A 15 -8.66 -11.96 -2.14
CA MET A 15 -7.30 -11.47 -2.08
C MET A 15 -6.56 -11.75 -3.37
N PRO A 16 -5.66 -10.86 -3.79
CA PRO A 16 -4.84 -11.17 -4.95
C PRO A 16 -4.09 -12.48 -4.76
N LYS A 17 -3.92 -13.21 -5.85
CA LYS A 17 -3.27 -14.50 -5.82
C LYS A 17 -1.77 -14.36 -6.03
N ILE A 18 -1.00 -15.19 -5.33
CA ILE A 18 0.45 -15.12 -5.32
C ILE A 18 1.04 -16.10 -6.32
N ILE A 19 1.85 -15.57 -7.22
CA ILE A 19 2.55 -16.33 -8.25
C ILE A 19 4.01 -16.42 -7.87
N VAL A 20 4.55 -17.63 -7.88
CA VAL A 20 5.99 -17.84 -7.73
C VAL A 20 6.52 -18.48 -9.01
N SER A 21 7.78 -18.23 -9.31
CA SER A 21 8.34 -18.62 -10.59
C SER A 21 9.50 -19.60 -10.45
N LEU A 22 9.52 -20.59 -11.33
CA LEU A 22 10.66 -21.50 -11.52
C LEU A 22 11.57 -20.95 -12.56
N MET A 23 12.88 -20.93 -12.26
N MET A 23 12.88 -20.97 -12.28
CA MET A 23 13.89 -20.38 -13.16
C MET A 23 15.08 -21.28 -13.47
C MET A 23 15.10 -21.26 -13.43
N GLY A 24 14.96 -22.57 -13.23
CA GLY A 24 16.08 -23.49 -13.39
C GLY A 24 16.54 -23.68 -14.84
N ARG A 25 17.81 -24.06 -14.99
CA ARG A 25 18.41 -24.19 -16.30
C ARG A 25 18.10 -25.51 -17.01
N ASP A 26 17.79 -26.54 -16.24
CA ASP A 26 17.75 -27.91 -16.74
C ASP A 26 16.81 -28.73 -15.86
N ILE A 27 16.65 -30.00 -16.20
CA ILE A 27 15.72 -30.86 -15.46
C ILE A 27 16.07 -30.95 -13.99
N ASN A 28 17.33 -31.22 -13.66
CA ASN A 28 17.68 -31.38 -12.27
C ASN A 28 17.44 -30.11 -11.49
N SER A 29 17.73 -28.96 -12.08
CA SER A 29 17.52 -27.68 -11.40
CA SER A 29 17.54 -27.74 -11.31
C SER A 29 16.06 -27.40 -11.15
N VAL A 30 15.22 -27.66 -12.16
CA VAL A 30 13.79 -27.50 -12.03
CA VAL A 30 13.79 -27.42 -11.94
C VAL A 30 13.22 -28.43 -10.94
N LYS A 31 13.71 -29.68 -10.93
CA LYS A 31 13.29 -30.61 -9.89
C LYS A 31 13.64 -30.09 -8.51
N ALA A 32 14.86 -29.57 -8.36
CA ALA A 32 15.29 -29.06 -7.06
C ALA A 32 14.45 -27.87 -6.63
N GLU A 33 14.10 -26.99 -7.56
CA GLU A 33 13.23 -25.86 -7.23
C GLU A 33 11.86 -26.33 -6.80
N ALA A 34 11.26 -27.23 -7.59
CA ALA A 34 9.91 -27.71 -7.24
C ALA A 34 9.92 -28.34 -5.86
N LEU A 35 10.97 -29.10 -5.55
CA LEU A 35 11.11 -29.70 -4.24
C LEU A 35 11.19 -28.63 -3.15
N ALA A 36 12.05 -27.63 -3.36
CA ALA A 36 12.22 -26.57 -2.38
C ALA A 36 10.91 -25.80 -2.18
N TYR A 37 10.14 -25.68 -3.25
CA TYR A 37 8.88 -24.94 -3.17
C TYR A 37 7.76 -25.69 -2.44
N ARG A 38 7.99 -26.95 -2.09
N ARG A 38 7.95 -26.99 -2.19
CA ARG A 38 7.06 -27.72 -1.26
CA ARG A 38 6.92 -27.84 -1.62
C ARG A 38 6.89 -27.07 0.11
C ARG A 38 6.32 -27.27 -0.34
N GLU A 39 7.95 -26.42 0.61
N GLU A 39 7.18 -26.70 0.49
CA GLU A 39 7.89 -25.78 1.91
CA GLU A 39 6.76 -26.17 1.79
C GLU A 39 7.27 -24.39 1.85
C GLU A 39 6.70 -24.64 1.85
N ALA A 40 6.76 -23.99 0.68
CA ALA A 40 6.24 -22.62 0.53
C ALA A 40 4.75 -22.68 0.32
N THR A 41 4.09 -21.55 0.57
CA THR A 41 2.65 -21.40 0.37
C THR A 41 2.40 -20.30 -0.66
N PHE A 42 1.81 -20.66 -1.79
CA PHE A 42 1.51 -19.72 -2.87
C PHE A 42 0.37 -20.29 -3.70
N ASP A 43 -0.12 -19.52 -4.65
CA ASP A 43 -1.35 -19.90 -5.38
C ASP A 43 -1.14 -20.42 -6.79
N ILE A 44 -0.16 -19.89 -7.50
CA ILE A 44 0.08 -20.21 -8.90
C ILE A 44 1.58 -20.41 -9.09
N LEU A 45 1.93 -21.47 -9.81
CA LEU A 45 3.31 -21.74 -10.18
C LEU A 45 3.52 -21.31 -11.62
N GLU A 46 4.49 -20.42 -11.85
CA GLU A 46 4.86 -20.00 -13.19
C GLU A 46 6.20 -20.63 -13.55
N TRP A 47 6.28 -21.28 -14.70
CA TRP A 47 7.57 -21.72 -15.22
C TRP A 47 8.09 -20.65 -16.18
N ARG A 48 9.21 -20.00 -15.81
CA ARG A 48 9.89 -19.04 -16.67
C ARG A 48 10.82 -19.79 -17.62
N VAL A 49 10.25 -20.14 -18.77
CA VAL A 49 10.92 -20.96 -19.77
C VAL A 49 12.16 -20.28 -20.33
N ASP A 50 12.15 -18.95 -20.39
CA ASP A 50 13.31 -18.23 -20.92
C ASP A 50 14.57 -18.38 -20.06
N HIS A 51 14.45 -18.82 -18.80
CA HIS A 51 15.60 -19.15 -17.97
C HIS A 51 16.16 -20.54 -18.27
N PHE A 52 15.42 -21.38 -19.00
CA PHE A 52 15.83 -22.76 -19.27
C PHE A 52 16.88 -22.75 -20.37
N MET A 53 17.85 -23.65 -20.32
CA MET A 53 18.91 -23.66 -21.33
C MET A 53 18.43 -24.20 -22.68
N ASP A 54 17.95 -25.44 -22.69
CA ASP A 54 17.63 -26.10 -23.96
C ASP A 54 16.20 -25.79 -24.38
N ILE A 55 16.01 -24.56 -24.82
CA ILE A 55 14.72 -24.12 -25.37
C ILE A 55 14.60 -24.45 -26.86
N ALA A 56 15.70 -24.87 -27.48
CA ALA A 56 15.70 -25.18 -28.91
C ALA A 56 14.87 -26.42 -29.22
N SER A 57 14.92 -27.40 -28.32
CA SER A 57 14.20 -28.63 -28.51
C SER A 57 12.83 -28.58 -27.87
N THR A 58 11.79 -28.71 -28.69
CA THR A 58 10.43 -28.79 -28.18
C THR A 58 10.29 -29.98 -27.23
N GLN A 59 10.94 -31.10 -27.55
CA GLN A 59 10.95 -32.26 -26.68
C GLN A 59 11.55 -31.93 -25.30
N SER A 60 12.68 -31.24 -25.28
CA SER A 60 13.27 -30.85 -24.00
C SER A 60 12.33 -29.97 -23.18
N VAL A 61 11.69 -29.02 -23.83
CA VAL A 61 10.79 -28.13 -23.13
C VAL A 61 9.58 -28.90 -22.59
N LEU A 62 9.00 -29.78 -23.38
CA LEU A 62 7.85 -30.56 -22.92
C LEU A 62 8.23 -31.54 -21.82
N THR A 63 9.42 -32.12 -21.89
CA THR A 63 9.85 -33.03 -20.84
C THR A 63 9.94 -32.29 -19.50
N ALA A 64 10.48 -31.07 -19.53
CA ALA A 64 10.56 -30.26 -18.33
C ALA A 64 9.17 -29.84 -17.86
N ALA A 65 8.29 -29.45 -18.78
CA ALA A 65 6.91 -29.15 -18.40
C ALA A 65 6.24 -30.34 -17.71
N ARG A 66 6.47 -31.54 -18.22
CA ARG A 66 5.92 -32.75 -17.64
C ARG A 66 6.47 -33.00 -16.24
N VAL A 67 7.77 -32.82 -16.06
CA VAL A 67 8.37 -32.95 -14.73
C VAL A 67 7.71 -31.98 -13.75
N ILE A 68 7.52 -30.74 -14.18
CA ILE A 68 6.94 -29.74 -13.31
C ILE A 68 5.48 -30.09 -12.98
N ARG A 69 4.73 -30.44 -14.02
CA ARG A 69 3.33 -30.80 -13.86
C ARG A 69 3.18 -31.95 -12.86
N ASP A 70 4.05 -32.95 -12.98
CA ASP A 70 3.99 -34.14 -12.13
C ASP A 70 4.52 -33.88 -10.73
N ALA A 71 5.41 -32.90 -10.59
CA ALA A 71 5.94 -32.53 -9.28
C ALA A 71 4.88 -31.84 -8.44
N MET A 72 4.03 -31.04 -9.10
CA MET A 72 2.97 -30.29 -8.43
C MET A 72 1.67 -30.43 -9.21
N PRO A 73 1.04 -31.61 -9.11
CA PRO A 73 -0.12 -31.90 -9.94
C PRO A 73 -1.36 -31.09 -9.62
N ASP A 74 -1.44 -30.49 -8.43
CA ASP A 74 -2.66 -29.83 -8.01
C ASP A 74 -2.57 -28.31 -8.01
N ILE A 75 -1.46 -27.76 -8.47
CA ILE A 75 -1.25 -26.31 -8.51
C ILE A 75 -1.58 -25.76 -9.90
N PRO A 76 -2.26 -24.60 -9.97
CA PRO A 76 -2.36 -23.93 -11.26
C PRO A 76 -0.97 -23.66 -11.83
N LEU A 77 -0.74 -24.06 -13.08
CA LEU A 77 0.57 -23.99 -13.72
C LEU A 77 0.49 -23.09 -14.94
N LEU A 78 1.31 -22.04 -14.90
CA LEU A 78 1.40 -21.01 -15.93
C LEU A 78 2.73 -21.16 -16.66
N PHE A 79 2.65 -21.32 -17.99
CA PHE A 79 3.83 -21.45 -18.87
C PHE A 79 4.16 -20.08 -19.44
N THR A 80 5.35 -19.58 -19.12
CA THR A 80 5.77 -18.24 -19.55
C THR A 80 7.15 -18.23 -20.18
N PHE A 81 7.20 -18.00 -21.48
CA PHE A 81 8.45 -17.63 -22.13
C PHE A 81 8.46 -16.11 -22.22
N ARG A 82 9.27 -15.45 -21.39
CA ARG A 82 9.41 -13.99 -21.47
C ARG A 82 10.47 -13.67 -22.50
N SER A 83 10.06 -13.02 -23.59
CA SER A 83 11.01 -12.71 -24.64
C SER A 83 12.02 -11.69 -24.14
N ALA A 84 13.25 -11.77 -24.66
CA ALA A 84 14.25 -10.75 -24.35
C ALA A 84 13.66 -9.44 -24.77
C ALA A 84 13.81 -9.25 -24.43
N LYS A 85 12.91 -9.46 -25.86
N LYS A 85 13.13 -8.82 -25.48
CA LYS A 85 12.25 -8.26 -26.31
CA LYS A 85 12.78 -7.40 -25.62
C LYS A 85 11.51 -7.55 -25.17
C LYS A 85 11.79 -6.97 -24.56
N GLU A 86 10.89 -8.31 -24.25
N GLU A 86 10.96 -7.90 -24.11
CA GLU A 86 10.13 -7.74 -23.09
CA GLU A 86 10.08 -7.60 -23.00
C GLU A 86 10.75 -7.94 -21.67
N GLY A 87 12.07 -8.09 -21.65
CA GLY A 87 12.80 -8.18 -20.39
C GLY A 87 13.22 -9.57 -19.96
N GLY A 88 13.02 -10.55 -20.83
CA GLY A 88 13.39 -11.92 -20.53
C GLY A 88 14.86 -12.23 -20.72
N GLU A 89 15.22 -13.48 -20.49
CA GLU A 89 16.62 -13.87 -20.35
C GLU A 89 17.32 -14.26 -21.64
N GLN A 90 16.59 -14.49 -22.72
CA GLN A 90 17.23 -14.84 -23.99
C GLN A 90 16.26 -14.57 -25.13
N THR A 91 16.79 -14.51 -26.35
CA THR A 91 15.96 -14.29 -27.52
C THR A 91 15.36 -15.58 -28.03
N ILE A 92 14.30 -15.42 -28.81
CA ILE A 92 13.61 -16.53 -29.44
C ILE A 92 12.98 -15.99 -30.71
N THR A 93 12.87 -16.82 -31.75
CA THR A 93 12.17 -16.38 -32.94
C THR A 93 10.67 -16.40 -32.66
N THR A 94 9.90 -15.60 -33.37
CA THR A 94 8.46 -15.63 -33.18
C THR A 94 7.91 -17.01 -33.52
N GLN A 95 8.43 -17.65 -34.56
CA GLN A 95 7.92 -18.96 -34.93
CA GLN A 95 7.94 -18.97 -34.95
C GLN A 95 8.19 -20.00 -33.84
N HIS A 96 9.39 -19.98 -33.25
CA HIS A 96 9.69 -20.97 -32.23
C HIS A 96 8.94 -20.70 -30.93
N TYR A 97 8.74 -19.43 -30.60
CA TYR A 97 7.88 -19.03 -29.48
C TYR A 97 6.49 -19.61 -29.65
N LEU A 98 5.95 -19.50 -30.86
CA LEU A 98 4.65 -20.09 -31.24
CA LEU A 98 4.63 -20.05 -31.04
C LEU A 98 4.66 -21.60 -31.07
N THR A 99 5.70 -22.24 -31.58
CA THR A 99 5.79 -23.71 -31.49
C THR A 99 5.78 -24.17 -30.02
N LEU A 100 6.60 -23.54 -29.18
CA LEU A 100 6.65 -23.94 -27.78
C LEU A 100 5.31 -23.73 -27.08
N ASN A 101 4.68 -22.57 -27.31
CA ASN A 101 3.40 -22.29 -26.68
C ASN A 101 2.31 -23.27 -27.16
N ARG A 102 2.25 -23.53 -28.46
CA ARG A 102 1.26 -24.47 -29.00
C ARG A 102 1.48 -25.87 -28.43
N ALA A 103 2.73 -26.31 -28.34
CA ALA A 103 3.04 -27.62 -27.83
C ALA A 103 2.66 -27.73 -26.35
N ALA A 104 2.95 -26.70 -25.56
CA ALA A 104 2.55 -26.67 -24.16
C ALA A 104 1.02 -26.75 -24.05
N ILE A 105 0.33 -25.98 -24.88
CA ILE A 105 -1.12 -25.94 -24.88
C ILE A 105 -1.71 -27.33 -25.15
N ASP A 106 -1.29 -27.96 -26.24
CA ASP A 106 -1.96 -29.16 -26.70
C ASP A 106 -1.50 -30.45 -26.01
N SER A 107 -0.46 -30.33 -25.18
CA SER A 107 0.10 -31.42 -24.37
CA SER A 107 0.00 -31.53 -24.49
C SER A 107 -0.74 -31.73 -23.15
N GLY A 108 -1.58 -30.78 -22.76
CA GLY A 108 -2.35 -30.88 -21.52
C GLY A 108 -1.57 -30.59 -20.25
N LEU A 109 -0.32 -30.17 -20.38
CA LEU A 109 0.60 -30.06 -19.25
C LEU A 109 0.48 -28.76 -18.49
N VAL A 110 -0.20 -27.75 -19.05
CA VAL A 110 -0.27 -26.44 -18.40
C VAL A 110 -1.71 -25.95 -18.37
N ASP A 111 -2.02 -25.17 -17.34
CA ASP A 111 -3.36 -24.61 -17.17
C ASP A 111 -3.52 -23.25 -17.84
N MET A 112 -2.42 -22.53 -17.96
CA MET A 112 -2.41 -21.16 -18.46
C MET A 112 -1.12 -20.97 -19.24
N ILE A 113 -1.15 -20.09 -20.24
CA ILE A 113 0.05 -19.61 -20.91
C ILE A 113 0.09 -18.09 -20.85
N ASP A 114 1.30 -17.56 -20.83
CA ASP A 114 1.54 -16.13 -20.98
C ASP A 114 1.84 -15.88 -22.46
N LEU A 115 1.10 -14.96 -23.07
CA LEU A 115 1.26 -14.62 -24.47
C LEU A 115 1.47 -13.12 -24.54
N GLU A 116 2.58 -12.68 -25.11
CA GLU A 116 2.86 -11.24 -25.17
C GLU A 116 2.03 -10.56 -26.26
N LEU A 117 1.30 -9.52 -25.87
CA LEU A 117 0.47 -8.73 -26.77
C LEU A 117 1.19 -8.32 -28.05
N PHE A 118 2.43 -7.85 -27.91
CA PHE A 118 3.17 -7.28 -29.04
C PHE A 118 3.87 -8.34 -29.90
N THR A 119 3.52 -9.61 -29.73
CA THR A 119 4.09 -10.66 -30.57
C THR A 119 3.76 -10.45 -32.05
N GLY A 120 2.57 -9.92 -32.32
CA GLY A 120 2.09 -9.73 -33.68
C GLY A 120 0.67 -10.23 -33.74
N ASP A 121 -0.19 -9.52 -34.44
CA ASP A 121 -1.61 -9.79 -34.36
C ASP A 121 -2.03 -11.17 -34.84
N ALA A 122 -1.52 -11.61 -35.99
CA ALA A 122 -1.92 -12.90 -36.53
C ALA A 122 -1.53 -14.00 -35.55
N ASP A 123 -0.31 -13.91 -35.05
CA ASP A 123 0.17 -14.93 -34.11
C ASP A 123 -0.59 -14.90 -32.78
N VAL A 124 -0.90 -13.70 -32.28
CA VAL A 124 -1.66 -13.59 -31.03
C VAL A 124 -3.05 -14.19 -31.19
N LYS A 125 -3.77 -13.79 -32.24
CA LYS A 125 -5.10 -14.31 -32.45
C LYS A 125 -5.10 -15.82 -32.61
N ALA A 126 -4.16 -16.34 -33.40
CA ALA A 126 -4.11 -17.78 -33.63
C ALA A 126 -3.82 -18.53 -32.32
N THR A 127 -2.93 -17.98 -31.51
CA THR A 127 -2.52 -18.66 -30.29
C THR A 127 -3.62 -18.58 -29.22
N VAL A 128 -4.30 -17.44 -29.13
CA VAL A 128 -5.47 -17.33 -28.25
C VAL A 128 -6.50 -18.40 -28.62
N ASP A 129 -6.80 -18.53 -29.92
CA ASP A 129 -7.79 -19.50 -30.35
C ASP A 129 -7.33 -20.92 -30.02
N TYR A 130 -6.05 -21.19 -30.23
CA TYR A 130 -5.51 -22.52 -29.97
C TYR A 130 -5.63 -22.84 -28.48
N ALA A 131 -5.23 -21.89 -27.63
CA ALA A 131 -5.34 -22.08 -26.19
C ALA A 131 -6.78 -22.37 -25.78
N HIS A 132 -7.71 -21.55 -26.21
CA HIS A 132 -9.09 -21.72 -25.83
C HIS A 132 -9.68 -23.03 -26.31
N ALA A 133 -9.32 -23.42 -27.53
CA ALA A 133 -9.83 -24.69 -28.07
C ALA A 133 -9.38 -25.89 -27.24
N HIS A 134 -8.26 -25.76 -26.55
CA HIS A 134 -7.69 -26.80 -25.70
C HIS A 134 -7.90 -26.54 -24.21
N ASN A 135 -8.84 -25.65 -23.87
CA ASN A 135 -9.17 -25.39 -22.49
C ASN A 135 -7.98 -24.88 -21.64
N VAL A 136 -7.18 -24.01 -22.25
CA VAL A 136 -6.07 -23.34 -21.58
C VAL A 136 -6.36 -21.84 -21.56
N TYR A 137 -6.11 -21.20 -20.42
CA TYR A 137 -6.31 -19.76 -20.28
C TYR A 137 -5.08 -18.98 -20.72
N VAL A 138 -5.33 -17.77 -21.19
CA VAL A 138 -4.27 -16.88 -21.67
C VAL A 138 -4.15 -15.68 -20.76
N VAL A 139 -2.95 -15.54 -20.18
CA VAL A 139 -2.51 -14.32 -19.54
C VAL A 139 -1.82 -13.54 -20.65
N MET A 140 -2.47 -12.51 -21.18
CA MET A 140 -1.88 -11.74 -22.27
C MET A 140 -1.11 -10.60 -21.64
N SER A 141 0.15 -10.45 -22.01
CA SER A 141 1.05 -9.62 -21.22
C SER A 141 1.78 -8.56 -22.02
N ASN A 142 2.24 -7.56 -21.27
CA ASN A 142 3.00 -6.47 -21.84
C ASN A 142 3.90 -5.92 -20.75
N HIS A 143 5.14 -5.63 -21.10
CA HIS A 143 6.13 -5.18 -20.12
C HIS A 143 6.93 -4.03 -20.70
N ASP A 144 7.17 -3.02 -19.87
CA ASP A 144 8.11 -1.96 -20.18
C ASP A 144 9.09 -1.92 -19.01
N PHE A 145 10.30 -2.42 -19.24
CA PHE A 145 11.29 -2.46 -18.16
C PHE A 145 12.15 -1.21 -18.10
N HIS A 146 11.82 -0.22 -18.92
CA HIS A 146 12.55 1.05 -18.93
C HIS A 146 11.79 2.21 -18.31
N GLN A 147 10.48 2.27 -18.54
CA GLN A 147 9.73 3.45 -18.14
C GLN A 147 8.26 3.11 -17.98
N THR A 148 7.48 4.10 -17.56
CA THR A 148 6.05 3.96 -17.36
C THR A 148 5.31 4.78 -18.40
N PRO A 149 4.53 4.12 -19.28
CA PRO A 149 3.68 4.86 -20.23
C PRO A 149 2.62 5.68 -19.51
N SER A 150 1.94 6.54 -20.25
CA SER A 150 0.82 7.26 -19.67
C SER A 150 -0.27 6.29 -19.23
N ALA A 151 -1.09 6.75 -18.29
CA ALA A 151 -2.24 5.96 -17.88
C ALA A 151 -3.15 5.66 -19.08
N GLU A 152 -3.36 6.67 -19.93
CA GLU A 152 -4.18 6.49 -21.12
C GLU A 152 -3.65 5.36 -22.00
N GLU A 153 -2.34 5.35 -22.23
CA GLU A 153 -1.74 4.33 -23.07
C GLU A 153 -1.85 2.94 -22.45
N MET A 154 -1.64 2.85 -21.12
CA MET A 154 -1.76 1.58 -20.43
C MET A 154 -3.18 1.02 -20.44
N VAL A 155 -4.15 1.87 -20.20
CA VAL A 155 -5.54 1.45 -20.22
C VAL A 155 -5.91 0.95 -21.63
N LEU A 156 -5.50 1.67 -22.67
CA LEU A 156 -5.78 1.20 -24.02
C LEU A 156 -5.14 -0.16 -24.28
N ARG A 157 -3.93 -0.40 -23.78
CA ARG A 157 -3.31 -1.71 -23.98
C ARG A 157 -4.12 -2.81 -23.30
N LEU A 158 -4.54 -2.58 -22.05
CA LEU A 158 -5.34 -3.56 -21.33
C LEU A 158 -6.67 -3.81 -22.04
N ARG A 159 -7.30 -2.75 -22.55
CA ARG A 159 -8.54 -2.90 -23.32
C ARG A 159 -8.32 -3.70 -24.60
N LYS A 160 -7.18 -3.47 -25.26
CA LYS A 160 -6.86 -4.20 -26.48
C LYS A 160 -6.67 -5.69 -26.16
N MET A 161 -6.02 -6.00 -25.05
CA MET A 161 -5.86 -7.39 -24.63
C MET A 161 -7.23 -8.06 -24.44
N GLN A 162 -8.14 -7.37 -23.78
CA GLN A 162 -9.51 -7.90 -23.65
C GLN A 162 -10.14 -8.13 -25.01
N ALA A 163 -10.04 -7.15 -25.90
CA ALA A 163 -10.63 -7.28 -27.22
C ALA A 163 -10.08 -8.47 -27.99
N LEU A 164 -8.81 -8.78 -27.78
CA LEU A 164 -8.15 -9.90 -28.45
C LEU A 164 -8.36 -11.24 -27.73
N GLY A 165 -9.16 -11.25 -26.67
CA GLY A 165 -9.57 -12.51 -26.04
C GLY A 165 -8.73 -12.96 -24.87
N ALA A 166 -7.85 -12.11 -24.35
CA ALA A 166 -7.12 -12.46 -23.15
C ALA A 166 -8.07 -12.88 -22.05
N ASP A 167 -7.77 -13.96 -21.35
CA ASP A 167 -8.52 -14.28 -20.14
C ASP A 167 -8.14 -13.36 -18.99
N ILE A 168 -6.86 -13.02 -18.92
CA ILE A 168 -6.33 -12.12 -17.90
C ILE A 168 -5.30 -11.19 -18.56
N PRO A 169 -5.69 -9.95 -18.86
CA PRO A 169 -4.71 -8.93 -19.26
C PRO A 169 -3.68 -8.67 -18.16
N LYS A 170 -2.44 -8.44 -18.56
CA LYS A 170 -1.35 -8.18 -17.62
C LYS A 170 -0.42 -7.10 -18.15
N ILE A 171 -0.12 -6.12 -17.31
CA ILE A 171 0.91 -5.13 -17.67
C ILE A 171 1.84 -4.89 -16.49
N ALA A 172 3.14 -4.80 -16.81
CA ALA A 172 4.18 -4.53 -15.81
C ALA A 172 5.09 -3.43 -16.37
N VAL A 173 5.29 -2.38 -15.59
CA VAL A 173 6.01 -1.21 -16.06
C VAL A 173 7.03 -0.74 -15.02
N MET A 174 8.05 -0.04 -15.48
CA MET A 174 9.17 0.39 -14.64
C MET A 174 8.97 1.85 -14.23
N PRO A 175 8.82 2.12 -12.93
CA PRO A 175 8.75 3.52 -12.53
C PRO A 175 10.11 4.20 -12.61
N GLN A 176 10.11 5.47 -12.99
CA GLN A 176 11.31 6.30 -12.90
C GLN A 176 11.13 7.41 -11.85
N SER A 177 10.04 7.34 -11.11
CA SER A 177 9.70 8.29 -10.07
C SER A 177 8.58 7.70 -9.26
N LYS A 178 8.32 8.27 -8.10
CA LYS A 178 7.17 7.86 -7.30
C LYS A 178 5.85 8.22 -8.00
N HIS A 179 5.84 9.34 -8.72
CA HIS A 179 4.69 9.73 -9.54
C HIS A 179 4.29 8.60 -10.50
N ASP A 180 5.27 7.96 -11.13
CA ASP A 180 5.00 6.88 -12.06
C ASP A 180 4.28 5.71 -11.41
N VAL A 181 4.53 5.49 -10.12
CA VAL A 181 3.82 4.42 -9.39
C VAL A 181 2.34 4.78 -9.31
N LEU A 182 2.05 6.04 -8.96
CA LEU A 182 0.65 6.49 -8.92
C LEU A 182 -0.01 6.40 -10.30
N THR A 183 0.72 6.69 -11.38
CA THR A 183 0.16 6.55 -12.72
C THR A 183 -0.28 5.11 -12.98
N LEU A 184 0.54 4.14 -12.58
CA LEU A 184 0.21 2.73 -12.76
C LEU A 184 -1.04 2.38 -11.93
N LEU A 185 -1.11 2.85 -10.68
CA LEU A 185 -2.30 2.58 -9.86
C LEU A 185 -3.56 3.24 -10.44
N THR A 186 -3.41 4.45 -10.98
CA THR A 186 -4.52 5.15 -11.62
C THR A 186 -5.06 4.37 -12.82
N ALA A 187 -4.16 3.87 -13.66
CA ALA A 187 -4.56 3.08 -14.82
C ALA A 187 -5.25 1.80 -14.39
N THR A 188 -4.72 1.16 -13.36
CA THR A 188 -5.29 -0.07 -12.83
C THR A 188 -6.73 0.15 -12.38
N LEU A 189 -6.92 1.21 -11.60
CA LEU A 189 -8.24 1.52 -11.07
C LEU A 189 -9.22 1.88 -12.18
N GLU A 190 -8.77 2.65 -13.17
CA GLU A 190 -9.64 3.01 -14.29
C GLU A 190 -10.12 1.75 -15.02
N MET A 191 -9.27 0.74 -15.15
N MET A 191 -9.16 0.92 -15.36
CA MET A 191 -9.75 -0.58 -15.60
CA MET A 191 -9.43 -0.27 -16.14
C MET A 191 -10.78 -1.17 -14.65
C MET A 191 -10.39 -1.15 -15.37
N GLN A 192 -10.43 -1.22 -13.37
N GLN A 192 -10.03 -1.46 -14.12
CA GLN A 192 -11.28 -1.86 -12.37
CA GLN A 192 -10.83 -2.30 -13.25
C GLN A 192 -12.70 -1.34 -12.49
C GLN A 192 -12.27 -1.84 -13.15
N GLN A 193 -12.84 -0.02 -12.50
N GLN A 193 -12.44 -0.57 -12.81
CA GLN A 193 -14.15 0.57 -12.34
CA GLN A 193 -13.74 -0.07 -12.43
C GLN A 193 -14.85 0.90 -13.65
C GLN A 193 -14.65 0.22 -13.62
N HIS A 194 -14.16 0.83 -14.77
N HIS A 194 -14.05 0.62 -14.73
CA HIS A 194 -14.85 1.18 -15.99
CA HIS A 194 -14.84 1.03 -15.88
C HIS A 194 -14.83 0.25 -17.19
C HIS A 194 -14.87 -0.04 -16.97
N TYR A 195 -13.70 -0.41 -17.48
CA TYR A 195 -13.62 -1.22 -18.69
C TYR A 195 -13.47 -2.73 -18.50
N ALA A 196 -12.90 -3.15 -17.39
CA ALA A 196 -12.62 -4.57 -17.23
C ALA A 196 -13.89 -5.40 -17.08
N ASP A 197 -13.93 -6.53 -17.76
CA ASP A 197 -14.96 -7.53 -17.54
C ASP A 197 -14.37 -8.91 -17.21
N ARG A 198 -13.14 -8.89 -16.73
CA ARG A 198 -12.38 -10.09 -16.40
C ARG A 198 -11.23 -9.64 -15.48
N PRO A 199 -10.51 -10.58 -14.87
CA PRO A 199 -9.40 -10.18 -14.00
C PRO A 199 -8.28 -9.54 -14.79
N VAL A 200 -7.59 -8.59 -14.15
CA VAL A 200 -6.42 -7.94 -14.73
C VAL A 200 -5.30 -7.98 -13.70
N ILE A 201 -4.07 -8.11 -14.18
CA ILE A 201 -2.88 -8.09 -13.33
C ILE A 201 -2.05 -6.87 -13.73
N THR A 202 -1.68 -6.05 -12.76
CA THR A 202 -0.80 -4.93 -13.04
C THR A 202 0.29 -4.84 -11.99
N MET A 203 1.40 -4.24 -12.36
CA MET A 203 2.51 -4.04 -11.43
CA MET A 203 2.45 -3.96 -11.39
C MET A 203 3.38 -2.89 -11.88
N SER A 204 3.87 -2.12 -10.91
CA SER A 204 4.97 -1.20 -11.08
C SER A 204 6.17 -1.93 -10.46
N MET A 205 7.25 -2.04 -11.23
CA MET A 205 8.43 -2.82 -10.87
C MET A 205 9.29 -2.09 -9.83
N ALA A 206 10.31 -2.81 -9.36
CA ALA A 206 11.39 -2.26 -8.55
C ALA A 206 10.96 -1.87 -7.14
N LYS A 207 11.91 -1.40 -6.34
CA LYS A 207 11.64 -0.97 -5.00
C LYS A 207 10.50 0.07 -4.96
N GLU A 208 10.60 1.07 -5.82
CA GLU A 208 9.63 2.17 -5.84
CA GLU A 208 9.63 2.16 -5.81
C GLU A 208 8.21 1.66 -6.04
N GLY A 209 8.07 0.61 -6.84
CA GLY A 209 6.77 0.11 -7.20
C GLY A 209 6.17 -0.94 -6.27
N VAL A 210 6.88 -1.30 -5.20
CA VAL A 210 6.48 -2.40 -4.31
CA VAL A 210 6.44 -2.44 -4.43
C VAL A 210 5.02 -2.28 -3.86
N ILE A 211 4.60 -1.06 -3.54
CA ILE A 211 3.22 -0.88 -3.06
C ILE A 211 2.18 -1.43 -4.04
N SER A 212 2.48 -1.39 -5.34
CA SER A 212 1.56 -1.94 -6.35
C SER A 212 1.41 -3.47 -6.27
N ARG A 213 2.40 -4.13 -5.68
CA ARG A 213 2.34 -5.57 -5.48
C ARG A 213 1.55 -5.93 -4.22
N LEU A 214 1.29 -4.95 -3.37
CA LEU A 214 0.61 -5.14 -2.09
C LEU A 214 -0.85 -4.69 -2.11
N ALA A 215 -1.18 -3.73 -2.99
CA ALA A 215 -2.45 -3.02 -2.94
C ALA A 215 -3.44 -3.47 -4.02
N GLY A 216 -3.24 -4.65 -4.58
CA GLY A 216 -4.07 -5.15 -5.66
C GLY A 216 -5.54 -5.26 -5.31
N GLU A 217 -5.85 -5.60 -4.05
CA GLU A 217 -7.25 -5.74 -3.68
C GLU A 217 -7.98 -4.40 -3.71
N VAL A 218 -7.26 -3.32 -3.44
CA VAL A 218 -7.82 -1.98 -3.41
C VAL A 218 -8.00 -1.43 -4.82
N PHE A 219 -6.94 -1.48 -5.63
CA PHE A 219 -6.95 -0.79 -6.92
C PHE A 219 -7.29 -1.65 -8.13
N GLY A 220 -7.29 -2.97 -7.96
CA GLY A 220 -7.83 -3.86 -8.98
C GLY A 220 -6.86 -4.75 -9.73
N SER A 221 -5.79 -5.19 -9.07
CA SER A 221 -4.89 -6.18 -9.64
C SER A 221 -5.14 -7.52 -8.97
N ALA A 222 -5.38 -8.55 -9.78
CA ALA A 222 -5.87 -9.85 -9.32
C ALA A 222 -4.77 -10.81 -8.88
N ALA A 223 -3.51 -10.49 -9.14
CA ALA A 223 -2.41 -11.38 -8.78
C ALA A 223 -1.15 -10.58 -8.65
N THR A 224 -0.19 -11.18 -7.96
CA THR A 224 1.04 -10.52 -7.60
C THR A 224 2.15 -11.57 -7.53
N PHE A 225 3.38 -11.16 -7.83
CA PHE A 225 4.53 -12.07 -7.91
C PHE A 225 5.36 -11.95 -6.64
N GLY A 226 5.68 -13.11 -6.05
CA GLY A 226 6.50 -13.19 -4.85
C GLY A 226 7.65 -14.16 -5.07
N ALA A 227 8.59 -14.14 -4.13
CA ALA A 227 9.77 -15.00 -4.17
C ALA A 227 9.74 -15.97 -2.98
N VAL A 228 10.14 -17.21 -3.21
CA VAL A 228 10.20 -18.20 -2.13
C VAL A 228 11.50 -17.97 -1.34
N GLY A 235 12.58 -4.79 -5.05
CA GLY A 235 11.24 -4.85 -5.63
C GLY A 235 10.55 -6.17 -5.35
N GLN A 236 11.32 -7.25 -5.32
CA GLN A 236 10.78 -8.57 -5.03
C GLN A 236 10.45 -8.68 -3.55
N ILE A 237 9.45 -9.49 -3.23
CA ILE A 237 8.98 -9.66 -1.86
C ILE A 237 8.78 -11.13 -1.53
N ALA A 238 9.25 -11.53 -0.36
CA ALA A 238 9.11 -12.90 0.11
C ALA A 238 7.63 -13.28 0.24
N VAL A 239 7.30 -14.48 -0.21
CA VAL A 239 5.90 -14.93 -0.23
CA VAL A 239 5.92 -14.99 -0.22
C VAL A 239 5.20 -14.83 1.13
N ASN A 240 5.88 -15.19 2.21
CA ASN A 240 5.23 -15.11 3.52
C ASN A 240 4.91 -13.68 3.91
N ASP A 241 5.81 -12.76 3.63
CA ASP A 241 5.57 -11.34 3.90
C ASP A 241 4.44 -10.83 3.02
N LEU A 242 4.44 -11.25 1.77
CA LEU A 242 3.40 -10.86 0.83
C LEU A 242 2.04 -11.33 1.34
N ARG A 243 1.95 -12.61 1.70
CA ARG A 243 0.71 -13.18 2.27
CA ARG A 243 0.68 -13.13 2.21
C ARG A 243 0.24 -12.38 3.47
N SER A 244 1.18 -12.09 4.37
CA SER A 244 0.85 -11.33 5.59
C SER A 244 0.18 -9.99 5.26
N VAL A 245 0.77 -9.25 4.34
CA VAL A 245 0.21 -7.95 3.99
C VAL A 245 -1.13 -8.08 3.29
N LEU A 246 -1.23 -9.02 2.36
CA LEU A 246 -2.50 -9.21 1.66
C LEU A 246 -3.63 -9.56 2.62
N MET A 247 -3.34 -10.40 3.61
CA MET A 247 -4.35 -10.77 4.60
C MET A 247 -4.76 -9.59 5.47
N ILE A 248 -3.77 -8.81 5.92
CA ILE A 248 -4.04 -7.65 6.75
C ILE A 248 -4.91 -6.65 5.99
N LEU A 249 -4.60 -6.41 4.72
CA LEU A 249 -5.40 -5.51 3.91
CA LEU A 249 -5.39 -5.51 3.92
C LEU A 249 -6.80 -6.06 3.67
N HIS A 250 -6.91 -7.35 3.40
CA HIS A 250 -8.20 -8.01 3.16
C HIS A 250 -9.14 -7.91 4.34
N ASN A 251 -8.59 -7.97 5.55
CA ASN A 251 -9.41 -7.99 6.76
C ASN A 251 -9.52 -6.65 7.48
N ALA A 252 -8.95 -5.60 6.89
CA ALA A 252 -8.94 -4.26 7.51
C ALA A 252 -10.35 -3.69 7.67
N LYS B 2 14.36 17.91 6.84
CA LYS B 2 13.90 18.61 8.08
C LYS B 2 12.98 17.72 8.93
N THR B 3 13.44 17.40 10.13
CA THR B 3 12.80 16.42 11.00
C THR B 3 12.42 17.06 12.33
N VAL B 4 11.64 16.31 13.12
CA VAL B 4 11.26 16.72 14.46
C VAL B 4 11.64 15.57 15.39
N THR B 5 12.53 15.83 16.34
CA THR B 5 12.97 14.81 17.26
C THR B 5 12.35 15.06 18.62
N VAL B 6 11.66 14.03 19.12
CA VAL B 6 10.98 14.08 20.42
CA VAL B 6 11.00 14.10 20.41
C VAL B 6 11.40 12.85 21.21
N LYS B 7 12.04 13.07 22.35
CA LYS B 7 12.51 11.98 23.20
C LYS B 7 13.19 10.87 22.38
N ASN B 8 14.14 11.29 21.54
CA ASN B 8 14.96 10.39 20.71
C ASN B 8 14.27 9.77 19.51
N LEU B 9 12.98 10.07 19.30
CA LEU B 9 12.26 9.60 18.14
C LEU B 9 12.40 10.64 17.04
N ILE B 10 12.95 10.25 15.89
CA ILE B 10 13.14 11.16 14.77
C ILE B 10 11.97 11.03 13.80
N ILE B 11 11.03 11.97 13.89
CA ILE B 11 9.87 11.99 13.03
C ILE B 11 10.26 12.66 11.71
N GLY B 12 9.99 11.97 10.60
CA GLY B 12 10.33 12.48 9.27
C GLY B 12 11.47 11.72 8.60
N GLU B 13 11.98 10.71 9.29
CA GLU B 13 13.02 9.82 8.75
C GLU B 13 12.60 8.38 8.94
N GLY B 14 13.10 7.50 8.09
CA GLY B 14 12.87 6.07 8.25
C GLY B 14 11.42 5.67 8.10
N MET B 15 11.01 4.66 8.86
CA MET B 15 9.62 4.18 8.82
C MET B 15 8.68 5.20 9.42
N PRO B 16 7.46 5.30 8.86
CA PRO B 16 6.48 6.14 9.51
C PRO B 16 6.28 5.72 10.97
N LYS B 17 6.08 6.71 11.82
CA LYS B 17 5.92 6.44 13.24
C LYS B 17 4.47 6.12 13.58
N ILE B 18 4.29 5.18 14.48
CA ILE B 18 2.98 4.69 14.85
C ILE B 18 2.47 5.48 16.04
N ILE B 19 1.30 6.10 15.86
CA ILE B 19 0.59 6.81 16.91
C ILE B 19 -0.60 5.97 17.33
N VAL B 20 -0.80 5.84 18.63
CA VAL B 20 -2.04 5.25 19.15
C VAL B 20 -2.73 6.28 20.02
N SER B 21 -4.06 6.21 20.05
CA SER B 21 -4.86 7.16 20.80
C SER B 21 -5.42 6.50 22.05
N LEU B 22 -5.23 7.17 23.18
CA LEU B 22 -5.79 6.76 24.46
C LEU B 22 -7.08 7.58 24.64
N MET B 23 -8.17 6.93 25.05
N MET B 23 -8.18 6.87 24.87
CA MET B 23 -9.50 7.56 25.01
CA MET B 23 -9.51 7.48 25.07
C MET B 23 -10.42 7.42 26.25
C MET B 23 -10.19 6.88 26.29
N GLY B 24 -9.84 7.39 27.46
CA GLY B 24 -10.60 7.09 28.66
C GLY B 24 -11.60 8.19 29.01
N ARG B 25 -12.78 7.78 29.47
CA ARG B 25 -13.86 8.72 29.73
C ARG B 25 -13.67 9.44 31.06
N ASP B 26 -12.93 8.81 31.97
CA ASP B 26 -12.72 9.38 33.28
C ASP B 26 -11.32 9.06 33.79
N ILE B 27 -10.97 9.63 34.93
CA ILE B 27 -9.63 9.48 35.47
C ILE B 27 -9.25 8.01 35.75
N ASN B 28 -10.18 7.24 36.30
CA ASN B 28 -9.91 5.82 36.55
C ASN B 28 -9.67 5.04 35.27
N SER B 29 -10.44 5.34 34.23
CA SER B 29 -10.25 4.70 32.94
C SER B 29 -8.94 5.15 32.28
N VAL B 30 -8.61 6.44 32.38
CA VAL B 30 -7.34 6.93 31.83
C VAL B 30 -6.17 6.23 32.52
N LYS B 31 -6.22 6.14 33.86
CA LYS B 31 -5.21 5.42 34.63
C LYS B 31 -5.05 3.99 34.14
N ALA B 32 -6.18 3.31 33.99
CA ALA B 32 -6.15 1.90 33.59
C ALA B 32 -5.59 1.75 32.18
N GLU B 33 -6.03 2.61 31.26
CA GLU B 33 -5.54 2.56 29.88
C GLU B 33 -4.05 2.85 29.81
N ALA B 34 -3.59 3.84 30.57
CA ALA B 34 -2.18 4.21 30.58
C ALA B 34 -1.31 3.02 30.99
N LEU B 35 -1.73 2.31 32.04
CA LEU B 35 -0.99 1.16 32.51
C LEU B 35 -1.01 0.03 31.48
N ALA B 36 -2.18 -0.21 30.88
CA ALA B 36 -2.33 -1.28 29.90
C ALA B 36 -1.60 -1.01 28.59
N TYR B 37 -1.53 0.25 28.18
CA TYR B 37 -0.85 0.63 26.94
C TYR B 37 0.67 0.43 27.00
N ARG B 38 1.24 0.34 28.21
CA ARG B 38 2.70 0.22 28.37
C ARG B 38 3.28 -0.95 27.59
N GLU B 39 2.52 -2.04 27.48
CA GLU B 39 3.01 -3.25 26.81
C GLU B 39 2.78 -3.28 25.30
N ALA B 40 2.01 -2.34 24.76
CA ALA B 40 1.81 -2.24 23.31
C ALA B 40 3.03 -1.57 22.69
N THR B 41 3.32 -1.87 21.43
CA THR B 41 4.48 -1.26 20.76
C THR B 41 4.04 -0.21 19.74
N PHE B 42 4.39 1.03 20.05
CA PHE B 42 4.08 2.17 19.22
C PHE B 42 5.09 3.25 19.52
N ASP B 43 5.07 4.31 18.72
CA ASP B 43 6.09 5.35 18.82
C ASP B 43 5.64 6.60 19.57
N ILE B 44 4.37 6.96 19.42
CA ILE B 44 3.81 8.19 19.99
C ILE B 44 2.47 7.85 20.64
N LEU B 45 2.25 8.33 21.86
CA LEU B 45 0.97 8.23 22.53
C LEU B 45 0.21 9.52 22.36
N GLU B 46 -0.95 9.46 21.72
CA GLU B 46 -1.87 10.58 21.68
C GLU B 46 -2.97 10.42 22.71
N TRP B 47 -3.15 11.43 23.56
CA TRP B 47 -4.30 11.45 24.46
C TRP B 47 -5.41 12.23 23.78
N ARG B 48 -6.52 11.53 23.48
CA ARG B 48 -7.70 12.16 22.89
C ARG B 48 -8.56 12.75 24.01
N VAL B 49 -8.25 14.01 24.31
CA VAL B 49 -8.82 14.75 25.41
C VAL B 49 -10.33 14.95 25.24
N ASP B 50 -10.81 15.04 24.00
CA ASP B 50 -12.23 15.25 23.77
C ASP B 50 -13.09 14.05 24.18
N HIS B 51 -12.50 12.87 24.38
CA HIS B 51 -13.19 11.72 24.93
C HIS B 51 -13.31 11.76 26.46
N PHE B 52 -12.55 12.64 27.09
CA PHE B 52 -12.56 12.78 28.55
C PHE B 52 -13.79 13.57 28.98
N MET B 53 -14.51 13.05 29.97
CA MET B 53 -15.79 13.68 30.33
CA MET B 53 -15.80 13.59 30.41
C MET B 53 -15.67 14.60 31.55
N ASP B 54 -14.44 14.90 31.96
CA ASP B 54 -14.23 15.95 32.97
C ASP B 54 -13.36 17.08 32.44
N ILE B 55 -13.54 17.40 31.16
CA ILE B 55 -12.84 18.53 30.57
C ILE B 55 -13.27 19.87 31.18
N ALA B 56 -14.38 19.89 31.92
CA ALA B 56 -14.80 21.10 32.59
C ALA B 56 -13.78 21.62 33.60
N SER B 57 -12.98 20.73 34.16
CA SER B 57 -11.99 21.11 35.17
C SER B 57 -10.58 21.04 34.62
N THR B 58 -9.88 22.15 34.64
CA THR B 58 -8.49 22.18 34.19
C THR B 58 -7.63 21.26 35.06
N GLN B 59 -7.89 21.24 36.37
CA GLN B 59 -7.19 20.33 37.27
C GLN B 59 -7.39 18.89 36.85
N SER B 60 -8.63 18.51 36.56
CA SER B 60 -8.89 17.12 36.17
C SER B 60 -8.14 16.75 34.90
N VAL B 61 -8.12 17.65 33.93
CA VAL B 61 -7.42 17.40 32.67
C VAL B 61 -5.92 17.24 32.90
N LEU B 62 -5.32 18.15 33.67
CA LEU B 62 -3.88 18.06 33.89
C LEU B 62 -3.52 16.86 34.74
N THR B 63 -4.37 16.48 35.68
CA THR B 63 -4.10 15.29 36.47
C THR B 63 -4.12 14.04 35.59
N ALA B 64 -5.07 13.97 34.66
CA ALA B 64 -5.11 12.86 33.71
C ALA B 64 -3.85 12.83 32.85
N ALA B 65 -3.40 13.99 32.36
CA ALA B 65 -2.15 14.04 31.60
C ALA B 65 -0.97 13.54 32.43
N ARG B 66 -0.96 13.93 33.71
CA ARG B 66 0.11 13.52 34.61
C ARG B 66 0.13 12.00 34.82
N VAL B 67 -1.04 11.40 34.96
CA VAL B 67 -1.15 9.95 35.12
C VAL B 67 -0.59 9.23 33.90
N ILE B 68 -0.86 9.74 32.71
CA ILE B 68 -0.32 9.15 31.49
C ILE B 68 1.20 9.31 31.45
N ARG B 69 1.68 10.52 31.73
CA ARG B 69 3.12 10.77 31.77
C ARG B 69 3.83 9.88 32.80
N ASP B 70 3.22 9.71 33.98
CA ASP B 70 3.90 8.92 35.00
CA ASP B 70 3.77 8.86 35.07
C ASP B 70 3.96 7.42 34.61
N ALA B 71 2.99 6.95 33.85
CA ALA B 71 3.00 5.56 33.38
C ALA B 71 4.00 5.36 32.24
N MET B 72 4.20 6.38 31.42
CA MET B 72 5.05 6.29 30.23
C MET B 72 5.99 7.50 30.18
N PRO B 73 6.99 7.52 31.08
CA PRO B 73 7.88 8.69 31.16
C PRO B 73 8.72 8.96 29.91
N ASP B 74 8.96 7.94 29.09
CA ASP B 74 9.88 8.05 27.97
C ASP B 74 9.20 8.06 26.61
N ILE B 75 7.87 8.10 26.59
CA ILE B 75 7.12 8.11 25.33
C ILE B 75 6.85 9.55 24.89
N PRO B 76 7.01 9.84 23.60
CA PRO B 76 6.48 11.09 23.09
C PRO B 76 4.97 11.15 23.34
N LEU B 77 4.51 12.21 23.99
CA LEU B 77 3.11 12.35 24.38
C LEU B 77 2.50 13.56 23.68
N LEU B 78 1.43 13.29 22.93
CA LEU B 78 0.71 14.25 22.11
C LEU B 78 -0.67 14.51 22.74
N PHE B 79 -0.94 15.76 23.10
CA PHE B 79 -2.21 16.18 23.69
C PHE B 79 -3.12 16.67 22.57
N THR B 80 -4.25 15.99 22.36
CA THR B 80 -5.17 16.30 21.28
C THR B 80 -6.61 16.42 21.75
N PHE B 81 -7.12 17.65 21.78
CA PHE B 81 -8.56 17.86 21.84
C PHE B 81 -9.06 18.02 20.41
N ARG B 82 -9.74 17.01 19.89
CA ARG B 82 -10.34 17.10 18.57
C ARG B 82 -11.67 17.81 18.71
N SER B 83 -11.81 18.95 18.05
CA SER B 83 -13.02 19.76 18.17
C SER B 83 -14.20 19.04 17.54
N ALA B 84 -15.39 19.33 18.03
CA ALA B 84 -16.61 18.80 17.45
C ALA B 84 -16.71 19.17 15.98
N LYS B 85 -16.34 20.41 15.67
CA LYS B 85 -16.37 20.89 14.28
CA LYS B 85 -16.30 20.94 14.30
C LYS B 85 -15.55 19.97 13.36
N GLU B 86 -14.44 19.44 13.86
CA GLU B 86 -13.58 18.56 13.06
C GLU B 86 -13.66 17.08 13.45
N GLY B 87 -14.83 16.67 13.95
CA GLY B 87 -15.13 15.26 14.12
C GLY B 87 -14.99 14.70 15.53
N GLY B 88 -14.71 15.56 16.50
CA GLY B 88 -14.49 15.12 17.88
C GLY B 88 -15.77 14.88 18.66
N GLU B 89 -15.61 14.49 19.92
CA GLU B 89 -16.71 13.96 20.73
C GLU B 89 -17.61 14.98 21.43
N GLN B 90 -17.18 16.22 21.59
CA GLN B 90 -17.98 17.22 22.31
C GLN B 90 -17.62 18.65 21.97
N THR B 91 -18.61 19.52 22.03
CA THR B 91 -18.43 20.92 21.72
C THR B 91 -18.02 21.69 22.99
N ILE B 92 -16.91 22.41 22.89
CA ILE B 92 -16.53 23.39 23.91
C ILE B 92 -16.21 24.70 23.22
N THR B 93 -16.20 25.78 24.00
CA THR B 93 -15.93 27.10 23.42
C THR B 93 -14.49 27.16 22.93
N THR B 94 -14.23 28.09 22.02
CA THR B 94 -12.88 28.34 21.53
C THR B 94 -11.93 28.71 22.67
N GLN B 95 -12.37 29.57 23.58
CA GLN B 95 -11.53 29.97 24.70
CA GLN B 95 -11.50 29.97 24.68
C GLN B 95 -11.22 28.79 25.60
N HIS B 96 -12.20 27.90 25.79
CA HIS B 96 -11.97 26.72 26.60
C HIS B 96 -10.91 25.83 25.92
N TYR B 97 -11.05 25.63 24.61
CA TYR B 97 -10.09 24.86 23.81
C TYR B 97 -8.67 25.43 23.94
N LEU B 98 -8.55 26.74 23.79
CA LEU B 98 -7.24 27.38 23.85
C LEU B 98 -6.65 27.32 25.27
N THR B 99 -7.49 27.49 26.30
CA THR B 99 -7.02 27.42 27.68
C THR B 99 -6.48 26.02 27.99
N LEU B 100 -7.21 24.98 27.58
CA LEU B 100 -6.74 23.62 27.82
C LEU B 100 -5.39 23.37 27.15
N ASN B 101 -5.26 23.83 25.90
CA ASN B 101 -3.99 23.66 25.20
C ASN B 101 -2.85 24.46 25.85
N ARG B 102 -3.10 25.68 26.27
CA ARG B 102 -2.06 26.47 26.92
C ARG B 102 -1.66 25.83 28.25
N ALA B 103 -2.61 25.35 29.02
CA ALA B 103 -2.31 24.68 30.28
C ALA B 103 -1.50 23.39 30.03
N ALA B 104 -1.85 22.64 28.99
CA ALA B 104 -1.05 21.47 28.62
C ALA B 104 0.38 21.88 28.28
N ILE B 105 0.51 22.92 27.47
CA ILE B 105 1.82 23.41 27.07
C ILE B 105 2.70 23.77 28.26
N ASP B 106 2.19 24.59 29.17
CA ASP B 106 3.05 25.13 30.22
C ASP B 106 3.21 24.19 31.41
N SER B 107 2.49 23.07 31.40
CA SER B 107 2.61 22.05 32.45
C SER B 107 3.90 21.26 32.39
N GLY B 108 4.49 21.19 31.21
CA GLY B 108 5.65 20.33 30.98
C GLY B 108 5.32 18.84 30.85
N LEU B 109 4.04 18.48 30.97
CA LEU B 109 3.63 17.08 30.96
C LEU B 109 3.59 16.44 29.58
N VAL B 110 3.46 17.27 28.53
CA VAL B 110 3.35 16.75 27.18
C VAL B 110 4.43 17.30 26.26
N ASP B 111 4.76 16.52 25.24
CA ASP B 111 5.80 16.90 24.29
C ASP B 111 5.25 17.65 23.08
N MET B 112 3.98 17.39 22.76
CA MET B 112 3.36 17.90 21.54
C MET B 112 1.90 18.22 21.84
N ILE B 113 1.35 19.19 21.11
CA ILE B 113 -0.10 19.40 21.09
C ILE B 113 -0.56 19.36 19.65
N ASP B 114 -1.83 19.00 19.47
CA ASP B 114 -2.51 19.10 18.20
C ASP B 114 -3.35 20.38 18.23
N LEU B 115 -3.13 21.24 17.24
CA LEU B 115 -3.83 22.50 17.11
CA LEU B 115 -3.85 22.50 17.10
C LEU B 115 -4.50 22.52 15.74
N GLU B 116 -5.81 22.75 15.69
CA GLU B 116 -6.51 22.75 14.42
C GLU B 116 -6.28 24.04 13.63
N LEU B 117 -5.84 23.88 12.38
CA LEU B 117 -5.55 25.00 11.48
C LEU B 117 -6.64 26.06 11.45
N PHE B 118 -7.89 25.64 11.34
CA PHE B 118 -8.96 26.62 11.14
C PHE B 118 -9.61 27.10 12.44
N THR B 119 -8.87 27.03 13.54
CA THR B 119 -9.31 27.64 14.79
C THR B 119 -9.42 29.17 14.66
N GLY B 120 -8.58 29.75 13.79
CA GLY B 120 -8.53 31.20 13.56
C GLY B 120 -7.07 31.62 13.54
N ASP B 121 -6.66 32.38 12.53
CA ASP B 121 -5.22 32.61 12.31
C ASP B 121 -4.52 33.27 13.50
N ALA B 122 -5.13 34.30 14.07
CA ALA B 122 -4.51 35.00 15.20
C ALA B 122 -4.34 34.06 16.41
N ASP B 123 -5.39 33.30 16.72
CA ASP B 123 -5.34 32.35 17.84
C ASP B 123 -4.36 31.22 17.59
N VAL B 124 -4.29 30.74 16.35
CA VAL B 124 -3.32 29.71 16.00
C VAL B 124 -1.90 30.23 16.17
N LYS B 125 -1.60 31.41 15.61
CA LYS B 125 -0.26 31.98 15.76
C LYS B 125 0.12 32.14 17.23
N ALA B 126 -0.79 32.68 18.03
CA ALA B 126 -0.50 32.92 19.44
C ALA B 126 -0.20 31.60 20.16
N THR B 127 -0.95 30.56 19.82
CA THR B 127 -0.80 29.28 20.51
C THR B 127 0.47 28.56 20.04
N VAL B 128 0.78 28.65 18.75
CA VAL B 128 2.04 28.12 18.24
C VAL B 128 3.21 28.80 18.94
N ASP B 129 3.17 30.13 19.05
CA ASP B 129 4.24 30.85 19.72
C ASP B 129 4.38 30.42 21.17
N TYR B 130 3.25 30.23 21.86
CA TYR B 130 3.29 29.80 23.26
C TYR B 130 3.88 28.41 23.38
N ALA B 131 3.46 27.48 22.53
CA ALA B 131 4.03 26.14 22.50
C ALA B 131 5.55 26.21 22.36
N HIS B 132 6.02 26.97 21.39
CA HIS B 132 7.45 27.03 21.14
C HIS B 132 8.21 27.68 22.28
N ALA B 133 7.59 28.65 22.96
CA ALA B 133 8.20 29.28 24.12
C ALA B 133 8.41 28.30 25.27
N HIS B 134 7.67 27.20 25.27
CA HIS B 134 7.73 26.18 26.32
C HIS B 134 8.23 24.82 25.80
N ASN B 135 8.92 24.84 24.66
CA ASN B 135 9.53 23.65 24.08
CA ASN B 135 9.54 23.64 24.12
C ASN B 135 8.52 22.52 23.88
N VAL B 136 7.38 22.90 23.31
CA VAL B 136 6.36 21.95 22.91
C VAL B 136 6.19 22.08 21.39
N TYR B 137 6.14 20.94 20.70
CA TYR B 137 5.93 20.90 19.26
C TYR B 137 4.45 20.90 18.93
N VAL B 138 4.12 21.47 17.78
CA VAL B 138 2.74 21.58 17.33
C VAL B 138 2.51 20.71 16.10
N VAL B 139 1.60 19.75 16.25
CA VAL B 139 1.00 19.04 15.13
C VAL B 139 -0.21 19.89 14.75
N MET B 140 -0.17 20.54 13.60
CA MET B 140 -1.28 21.40 13.19
C MET B 140 -2.15 20.57 12.27
N SER B 141 -3.45 20.53 12.52
CA SER B 141 -4.29 19.55 11.88
C SER B 141 -5.50 20.13 11.15
N ASN B 142 -5.96 19.37 10.18
CA ASN B 142 -7.17 19.67 9.46
C ASN B 142 -7.85 18.38 9.08
N HIS B 143 -9.18 18.41 9.06
CA HIS B 143 -10.00 17.25 8.79
C HIS B 143 -11.12 17.59 7.86
N ASP B 144 -11.42 16.65 6.98
CA ASP B 144 -12.68 16.67 6.23
C ASP B 144 -13.29 15.30 6.39
N PHE B 145 -14.32 15.20 7.21
CA PHE B 145 -14.97 13.94 7.49
C PHE B 145 -16.09 13.61 6.50
N HIS B 146 -16.32 14.48 5.53
CA HIS B 146 -17.37 14.25 4.53
C HIS B 146 -16.88 13.88 3.15
N GLN B 147 -15.72 14.40 2.77
CA GLN B 147 -15.24 14.24 1.41
C GLN B 147 -13.74 14.45 1.35
N THR B 148 -13.20 14.21 0.17
CA THR B 148 -11.80 14.43 -0.11
C THR B 148 -11.70 15.70 -0.94
N PRO B 149 -11.10 16.78 -0.38
CA PRO B 149 -10.87 17.96 -1.20
C PRO B 149 -9.93 17.63 -2.36
N SER B 150 -9.85 18.52 -3.34
CA SER B 150 -8.89 18.34 -4.41
CA SER B 150 -8.88 18.39 -4.41
C SER B 150 -7.47 18.28 -3.84
N ALA B 151 -6.57 17.64 -4.59
CA ALA B 151 -5.17 17.57 -4.17
C ALA B 151 -4.61 18.97 -3.97
N GLU B 152 -5.07 19.92 -4.79
CA GLU B 152 -4.58 21.29 -4.72
C GLU B 152 -5.09 22.00 -3.46
N GLU B 153 -6.32 21.75 -3.06
CA GLU B 153 -6.87 22.31 -1.80
C GLU B 153 -6.13 21.71 -0.59
N MET B 154 -5.82 20.41 -0.66
CA MET B 154 -5.10 19.77 0.45
C MET B 154 -3.69 20.33 0.59
N VAL B 155 -3.01 20.50 -0.54
CA VAL B 155 -1.68 21.10 -0.55
C VAL B 155 -1.74 22.54 -0.02
N LEU B 156 -2.75 23.31 -0.44
CA LEU B 156 -2.94 24.67 0.06
C LEU B 156 -2.98 24.69 1.59
N ARG B 157 -3.77 23.81 2.18
CA ARG B 157 -3.91 23.76 3.63
C ARG B 157 -2.63 23.36 4.33
N LEU B 158 -1.96 22.34 3.81
CA LEU B 158 -0.69 21.90 4.41
C LEU B 158 0.37 23.00 4.35
N ARG B 159 0.39 23.73 3.24
CA ARG B 159 1.32 24.85 3.11
C ARG B 159 0.97 25.98 4.07
N LYS B 160 -0.31 26.25 4.28
CA LYS B 160 -0.72 27.27 5.25
CA LYS B 160 -0.75 27.25 5.26
C LYS B 160 -0.25 26.88 6.65
N MET B 161 -0.30 25.59 6.97
CA MET B 161 0.17 25.12 8.27
C MET B 161 1.66 25.41 8.44
N GLN B 162 2.44 25.16 7.39
CA GLN B 162 3.85 25.54 7.41
C GLN B 162 4.05 27.04 7.61
N ALA B 163 3.27 27.84 6.89
CA ALA B 163 3.34 29.30 7.03
C ALA B 163 3.02 29.78 8.44
N LEU B 164 2.12 29.07 9.13
CA LEU B 164 1.74 29.41 10.51
C LEU B 164 2.67 28.80 11.57
N GLY B 165 3.74 28.14 11.14
CA GLY B 165 4.76 27.64 12.05
C GLY B 165 4.54 26.25 12.63
N ALA B 166 3.62 25.48 12.07
CA ALA B 166 3.43 24.10 12.49
C ALA B 166 4.75 23.34 12.46
N ASP B 167 5.03 22.55 13.48
CA ASP B 167 6.16 21.63 13.39
C ASP B 167 5.87 20.44 12.48
N ILE B 168 4.62 19.97 12.52
CA ILE B 168 4.17 18.84 11.72
C ILE B 168 2.74 19.11 11.23
N PRO B 169 2.60 19.55 9.98
CA PRO B 169 1.28 19.62 9.35
C PRO B 169 0.64 18.24 9.26
N LYS B 170 -0.68 18.19 9.45
CA LYS B 170 -1.45 16.96 9.42
C LYS B 170 -2.79 17.19 8.72
N ILE B 171 -3.13 16.32 7.78
CA ILE B 171 -4.46 16.36 7.17
C ILE B 171 -5.05 14.95 7.08
N ALA B 172 -6.34 14.86 7.40
CA ALA B 172 -7.07 13.60 7.34
C ALA B 172 -8.38 13.87 6.62
N VAL B 173 -8.65 13.09 5.57
CA VAL B 173 -9.80 13.33 4.71
C VAL B 173 -10.56 12.04 4.44
N MET B 174 -11.84 12.17 4.09
CA MET B 174 -12.73 11.04 3.95
C MET B 174 -12.89 10.67 2.48
N PRO B 175 -12.48 9.45 2.08
CA PRO B 175 -12.71 9.04 0.70
C PRO B 175 -14.15 8.63 0.48
N GLN B 176 -14.70 9.01 -0.67
CA GLN B 176 -15.99 8.51 -1.12
C GLN B 176 -15.82 7.45 -2.20
N SER B 177 -14.58 7.19 -2.59
CA SER B 177 -14.27 6.25 -3.65
C SER B 177 -12.81 5.88 -3.54
N LYS B 178 -12.41 4.84 -4.25
CA LYS B 178 -11.01 4.47 -4.32
C LYS B 178 -10.19 5.56 -5.00
N HIS B 179 -10.78 6.22 -5.98
CA HIS B 179 -10.13 7.35 -6.65
C HIS B 179 -9.69 8.42 -5.64
N ASP B 180 -10.57 8.73 -4.68
CA ASP B 180 -10.26 9.72 -3.65
C ASP B 180 -9.02 9.34 -2.83
N VAL B 181 -8.78 8.06 -2.64
CA VAL B 181 -7.59 7.61 -1.92
C VAL B 181 -6.34 7.97 -2.74
N LEU B 182 -6.38 7.74 -4.05
CA LEU B 182 -5.28 8.16 -4.90
C LEU B 182 -5.08 9.68 -4.87
N THR B 183 -6.15 10.47 -4.80
CA THR B 183 -6.00 11.92 -4.69
C THR B 183 -5.21 12.30 -3.43
N LEU B 184 -5.51 11.67 -2.31
CA LEU B 184 -4.80 11.92 -1.07
C LEU B 184 -3.32 11.52 -1.19
N LEU B 185 -3.03 10.37 -1.80
CA LEU B 185 -1.64 9.97 -2.01
C LEU B 185 -0.91 10.95 -2.94
N THR B 186 -1.60 11.41 -3.97
CA THR B 186 -1.05 12.41 -4.89
C THR B 186 -0.68 13.70 -4.17
N ALA B 187 -1.58 14.20 -3.33
CA ALA B 187 -1.31 15.42 -2.57
C ALA B 187 -0.12 15.23 -1.64
N THR B 188 -0.04 14.05 -1.01
CA THR B 188 1.04 13.73 -0.11
C THR B 188 2.37 13.79 -0.83
N LEU B 189 2.42 13.17 -2.01
CA LEU B 189 3.64 13.14 -2.80
C LEU B 189 4.02 14.54 -3.30
N GLU B 190 3.03 15.32 -3.73
CA GLU B 190 3.30 16.66 -4.19
CA GLU B 190 3.26 16.69 -4.18
C GLU B 190 3.92 17.50 -3.07
N MET B 191 3.42 17.33 -1.86
CA MET B 191 4.04 18.00 -0.71
C MET B 191 5.48 17.55 -0.53
N GLN B 192 5.71 16.24 -0.54
CA GLN B 192 7.03 15.64 -0.33
CA GLN B 192 7.02 15.70 -0.28
C GLN B 192 8.04 16.21 -1.30
N GLN B 193 7.65 16.25 -2.56
CA GLN B 193 8.63 16.55 -3.58
CA GLN B 193 8.53 16.55 -3.69
C GLN B 193 8.76 18.04 -3.90
N HIS B 194 7.76 18.85 -3.55
CA HIS B 194 7.79 20.27 -3.94
C HIS B 194 7.67 21.32 -2.84
N TYR B 195 6.95 21.05 -1.77
CA TYR B 195 6.64 22.11 -0.82
C TYR B 195 7.02 21.84 0.64
N ALA B 196 7.06 20.58 1.03
CA ALA B 196 7.34 20.26 2.43
C ALA B 196 8.78 20.61 2.78
N ASP B 197 8.96 21.28 3.92
CA ASP B 197 10.30 21.48 4.49
C ASP B 197 10.33 21.03 5.94
N ARG B 198 9.40 20.14 6.28
CA ARG B 198 9.28 19.56 7.61
C ARG B 198 8.41 18.31 7.44
N PRO B 199 8.30 17.48 8.50
CA PRO B 199 7.49 16.27 8.37
C PRO B 199 6.01 16.61 8.23
N VAL B 200 5.29 15.79 7.46
CA VAL B 200 3.86 15.96 7.22
C VAL B 200 3.19 14.61 7.44
N ILE B 201 2.01 14.65 8.05
CA ILE B 201 1.19 13.46 8.27
C ILE B 201 -0.06 13.57 7.41
N THR B 202 -0.35 12.55 6.63
CA THR B 202 -1.59 12.54 5.84
C THR B 202 -2.27 11.19 5.96
N MET B 203 -3.57 11.20 5.78
CA MET B 203 -4.33 9.95 5.72
C MET B 203 -5.65 10.16 5.01
N SER B 204 -6.06 9.10 4.33
CA SER B 204 -7.42 8.91 3.86
C SER B 204 -8.06 7.98 4.89
N MET B 205 -9.18 8.42 5.45
CA MET B 205 -9.84 7.69 6.50
CA MET B 205 -9.93 7.76 6.49
C MET B 205 -10.72 6.56 5.93
N ALA B 206 -11.42 5.87 6.82
CA ALA B 206 -12.36 4.79 6.47
C ALA B 206 -11.66 3.54 5.95
N LYS B 207 -12.46 2.51 5.69
CA LYS B 207 -11.91 1.26 5.18
C LYS B 207 -11.19 1.46 3.85
N GLU B 208 -11.78 2.23 2.95
CA GLU B 208 -11.18 2.42 1.63
C GLU B 208 -9.84 3.09 1.71
N GLY B 209 -9.65 3.94 2.73
CA GLY B 209 -8.41 4.68 2.87
C GLY B 209 -7.27 3.93 3.53
N VAL B 210 -7.48 2.69 3.97
CA VAL B 210 -6.47 1.99 4.78
C VAL B 210 -5.09 1.96 4.13
N ILE B 211 -5.01 1.77 2.82
CA ILE B 211 -3.71 1.70 2.18
C ILE B 211 -2.89 2.97 2.44
N SER B 212 -3.55 4.12 2.61
CA SER B 212 -2.84 5.36 2.91
C SER B 212 -2.16 5.36 4.28
N ARG B 213 -2.64 4.52 5.19
CA ARG B 213 -2.07 4.38 6.51
C ARG B 213 -0.86 3.45 6.48
N LEU B 214 -0.70 2.71 5.38
CA LEU B 214 0.35 1.72 5.22
C LEU B 214 1.48 2.20 4.31
N ALA B 215 1.21 3.16 3.42
CA ALA B 215 2.15 3.55 2.35
C ALA B 215 2.86 4.88 2.58
N GLY B 216 2.90 5.31 3.84
CA GLY B 216 3.50 6.60 4.16
C GLY B 216 4.97 6.71 3.79
N GLU B 217 5.71 5.61 3.88
CA GLU B 217 7.13 5.68 3.59
C GLU B 217 7.37 5.99 2.11
N VAL B 218 6.50 5.48 1.25
CA VAL B 218 6.61 5.66 -0.20
C VAL B 218 6.29 7.10 -0.60
N PHE B 219 5.17 7.61 -0.14
CA PHE B 219 4.66 8.88 -0.66
C PHE B 219 4.88 10.10 0.22
N GLY B 220 5.29 9.89 1.47
CA GLY B 220 5.74 10.99 2.31
C GLY B 220 4.87 11.37 3.50
N SER B 221 4.24 10.39 4.13
CA SER B 221 3.54 10.63 5.38
C SER B 221 4.38 10.09 6.53
N ALA B 222 4.67 10.97 7.49
CA ALA B 222 5.64 10.69 8.54
C ALA B 222 5.12 9.88 9.71
N ALA B 223 3.80 9.73 9.82
CA ALA B 223 3.23 8.97 10.93
C ALA B 223 1.86 8.45 10.53
N THR B 224 1.40 7.48 11.30
CA THR B 224 0.19 6.75 10.98
C THR B 224 -0.42 6.21 12.28
N PHE B 225 -1.75 6.11 12.32
CA PHE B 225 -2.47 5.70 13.52
C PHE B 225 -2.89 4.25 13.47
N GLY B 226 -2.61 3.55 14.57
CA GLY B 226 -3.08 2.18 14.77
C GLY B 226 -3.90 2.06 16.05
N ALA B 227 -4.51 0.89 16.23
CA ALA B 227 -5.39 0.62 17.38
C ALA B 227 -4.75 -0.39 18.32
N VAL B 228 -4.75 -0.07 19.62
CA VAL B 228 -4.23 -0.98 20.64
C VAL B 228 -5.22 -2.11 20.93
N LYS B 229 -6.51 -1.77 21.02
CA LYS B 229 -7.57 -2.76 21.20
C LYS B 229 -8.94 -2.14 20.91
N PRO B 234 -12.54 3.68 11.93
CA PRO B 234 -12.31 2.78 10.82
C PRO B 234 -11.00 3.08 10.11
N GLY B 235 -10.31 2.03 9.67
CA GLY B 235 -9.04 2.18 8.99
C GLY B 235 -7.86 1.98 9.91
N GLN B 236 -8.02 2.37 11.18
CA GLN B 236 -6.99 2.11 12.16
C GLN B 236 -6.97 0.63 12.49
N ILE B 237 -5.97 -0.06 11.97
CA ILE B 237 -5.85 -1.49 12.19
C ILE B 237 -5.02 -1.76 13.43
N ALA B 238 -5.06 -3.02 13.86
CA ALA B 238 -4.36 -3.45 15.05
C ALA B 238 -2.91 -3.04 14.94
N VAL B 239 -2.41 -2.42 16.00
CA VAL B 239 -1.08 -1.83 15.96
C VAL B 239 0.03 -2.82 15.57
N ASN B 240 -0.07 -4.08 16.02
CA ASN B 240 0.93 -5.10 15.64
CA ASN B 240 0.93 -5.07 15.64
C ASN B 240 0.89 -5.40 14.15
N ASP B 241 -0.31 -5.41 13.57
CA ASP B 241 -0.47 -5.63 12.12
C ASP B 241 0.09 -4.45 11.35
N LEU B 242 -0.19 -3.24 11.83
CA LEU B 242 0.35 -2.04 11.23
C LEU B 242 1.87 -2.08 11.22
N ARG B 243 2.46 -2.38 12.37
CA ARG B 243 3.90 -2.47 12.47
C ARG B 243 4.47 -3.51 11.50
N SER B 244 3.83 -4.66 11.40
CA SER B 244 4.27 -5.71 10.50
C SER B 244 4.31 -5.23 9.05
N VAL B 245 3.27 -4.54 8.61
CA VAL B 245 3.22 -4.05 7.24
C VAL B 245 4.26 -2.96 7.02
N LEU B 246 4.38 -2.02 7.96
CA LEU B 246 5.36 -0.96 7.80
C LEU B 246 6.77 -1.54 7.66
N MET B 247 7.07 -2.56 8.44
CA MET B 247 8.40 -3.19 8.37
C MET B 247 8.64 -3.88 7.05
N ILE B 248 7.63 -4.60 6.56
CA ILE B 248 7.76 -5.28 5.29
C ILE B 248 7.99 -4.28 4.16
N LEU B 249 7.24 -3.19 4.15
CA LEU B 249 7.45 -2.16 3.14
C LEU B 249 8.81 -1.49 3.27
N HIS B 250 9.23 -1.20 4.50
CA HIS B 250 10.52 -0.56 4.74
C HIS B 250 11.69 -1.40 4.23
N ASN B 251 11.60 -2.71 4.43
CA ASN B 251 12.71 -3.60 4.13
C ASN B 251 12.66 -4.23 2.74
N ALA B 252 11.58 -4.00 2.00
CA ALA B 252 11.44 -4.58 0.67
C ALA B 252 12.56 -4.14 -0.25
NA NA C . 13.27 -12.03 -28.18
NA NA D . -4.56 -30.46 -30.89
NA NA E . 4.93 -18.14 -23.22
CL CL F . 9.69 -23.96 -34.25
CL CL G . 6.18 -10.02 -14.40
C1 CIT H . -6.79 11.21 15.95
O1 CIT H . -6.89 10.57 17.02
O2 CIT H . -6.18 12.31 15.85
C2 CIT H . -7.46 10.53 14.78
C3 CIT H . -7.21 11.21 13.43
O7 CIT H . -5.82 11.08 13.11
C4 CIT H . -8.09 10.57 12.34
C5 CIT H . -7.79 9.11 12.08
O3 CIT H . -6.63 8.69 12.29
O4 CIT H . -8.70 8.38 11.60
C6 CIT H . -7.62 12.66 13.49
O5 CIT H . -8.68 12.99 14.07
O6 CIT H . -6.87 13.51 12.96
NA NA I . -15.32 21.93 20.17
NA NA J . 3.76 30.17 31.25
NA NA K . -5.62 20.05 21.32
#